data_1YUL
#
_entry.id   1YUL
#
_cell.length_a   65.525
_cell.length_b   65.525
_cell.length_c   110.340
_cell.angle_alpha   90.00
_cell.angle_beta   90.00
_cell.angle_gamma   90.00
#
_symmetry.space_group_name_H-M   'P 43 2 2'
#
loop_
_entity.id
_entity.type
_entity.pdbx_description
1 polymer 'Probable nicotinate-nucleotide adenylyltransferase'
2 non-polymer 'CITRIC ACID'
3 water water
#
_entity_poly.entity_id   1
_entity_poly.type   'polypeptide(L)'
_entity_poly.pdbx_seq_one_letter_code
;MGSSHHHHHHSSGLVPRGSHMGKRIGLFGGTFDPVHIGH(MSE)RSAVE(MSE)AEQFALDELRLLPNARPPHRETPQVS
AAQRLA(MSE)VERAVAGVERLTVDPRELQRDKPSYTIDTLESVRAELAADDQLF(MSE)LIGWDAFCGLPTWHRWEALL
DHCHIVVLQRPDADSEPPESLRDLLAARSVADPQALKGPGGQITFVWQTPLAVSATQIRALLGAGRSVRFLVPDAVLNYI
EAHHLYRAPHLEHHHHHH
;
_entity_poly.pdbx_strand_id   A
#
loop_
_chem_comp.id
_chem_comp.type
_chem_comp.name
_chem_comp.formula
CIT non-polymer 'CITRIC ACID' 'C6 H8 O7'
#
# COMPACT_ATOMS: atom_id res chain seq x y z
N GLY A 22 12.46 -18.32 7.04
CA GLY A 22 11.50 -17.22 7.33
C GLY A 22 10.47 -17.10 6.23
N LYS A 23 9.52 -16.17 6.40
CA LYS A 23 8.49 -15.98 5.40
C LYS A 23 8.75 -14.73 4.57
N ARG A 24 7.97 -14.58 3.49
CA ARG A 24 8.07 -13.42 2.63
C ARG A 24 6.78 -12.62 2.82
N ILE A 25 6.92 -11.46 3.46
CA ILE A 25 5.77 -10.62 3.77
C ILE A 25 5.81 -9.29 3.02
N GLY A 26 4.67 -8.90 2.48
CA GLY A 26 4.59 -7.64 1.76
C GLY A 26 3.74 -6.62 2.50
N LEU A 27 4.05 -5.35 2.30
CA LEU A 27 3.30 -4.27 2.93
C LEU A 27 2.80 -3.36 1.83
N PHE A 28 1.48 -3.18 1.75
CA PHE A 28 0.87 -2.33 0.74
C PHE A 28 0.07 -1.26 1.46
N GLY A 29 0.66 -0.07 1.57
CA GLY A 29 -0.01 1.03 2.25
C GLY A 29 -0.91 1.85 1.34
N GLY A 30 -1.82 2.61 1.92
CA GLY A 30 -2.72 3.43 1.13
C GLY A 30 -3.84 4.04 1.97
N THR A 31 -4.52 5.03 1.39
CA THR A 31 -5.63 5.66 2.08
C THR A 31 -6.91 4.80 1.96
N PHE A 32 -7.07 4.16 0.81
CA PHE A 32 -8.22 3.28 0.56
C PHE A 32 -9.53 3.97 0.93
N ASP A 33 -9.90 4.99 0.15
CA ASP A 33 -11.08 5.78 0.41
C ASP A 33 -11.97 5.93 -0.82
N PRO A 34 -12.55 4.81 -1.29
CA PRO A 34 -12.44 3.46 -0.77
C PRO A 34 -11.42 2.59 -1.50
N VAL A 35 -11.15 1.42 -0.93
CA VAL A 35 -10.24 0.48 -1.57
C VAL A 35 -10.99 0.08 -2.83
N HIS A 36 -10.28 -0.07 -3.95
CA HIS A 36 -10.96 -0.42 -5.18
C HIS A 36 -10.27 -1.51 -5.96
N ILE A 37 -10.78 -1.77 -7.15
CA ILE A 37 -10.26 -2.80 -8.03
C ILE A 37 -8.82 -2.57 -8.44
N GLY A 38 -8.44 -1.31 -8.63
CA GLY A 38 -7.08 -1.00 -9.00
C GLY A 38 -6.13 -1.46 -7.91
N HIS A 39 -6.45 -1.12 -6.66
CA HIS A 39 -5.65 -1.52 -5.50
C HIS A 39 -5.51 -3.02 -5.36
N MSE A 40 -6.65 -3.70 -5.34
CA MSE A 40 -6.67 -5.15 -5.16
C MSE A 40 -5.96 -5.91 -6.27
O MSE A 40 -5.28 -6.90 -6.00
CB MSE A 40 -8.11 -5.61 -5.01
CG MSE A 40 -8.82 -5.00 -3.79
SE MSE A 40 -7.79 -5.21 -2.15
CE MSE A 40 -7.74 -7.14 -2.07
N ARG A 41 -6.10 -5.47 -7.52
CA ARG A 41 -5.41 -6.15 -8.61
C ARG A 41 -3.91 -6.02 -8.48
N SER A 42 -3.45 -4.85 -8.06
CA SER A 42 -2.02 -4.62 -7.87
C SER A 42 -1.52 -5.51 -6.74
N ALA A 43 -2.33 -5.63 -5.69
CA ALA A 43 -1.97 -6.46 -4.54
C ALA A 43 -1.83 -7.92 -4.98
N VAL A 44 -2.83 -8.42 -5.72
CA VAL A 44 -2.79 -9.80 -6.20
C VAL A 44 -1.55 -10.02 -7.04
N GLU A 45 -1.32 -9.15 -8.02
CA GLU A 45 -0.14 -9.26 -8.88
C GLU A 45 1.16 -9.19 -8.10
N MSE A 46 1.26 -8.30 -7.11
CA MSE A 46 2.49 -8.21 -6.32
C MSE A 46 2.74 -9.47 -5.52
O MSE A 46 3.87 -9.95 -5.45
CB MSE A 46 2.47 -7.03 -5.33
CG MSE A 46 3.68 -7.09 -4.38
SE MSE A 46 3.65 -5.95 -2.78
CE MSE A 46 5.52 -5.39 -2.76
N ALA A 47 1.69 -9.99 -4.90
CA ALA A 47 1.83 -11.20 -4.10
C ALA A 47 2.31 -12.37 -4.95
N GLU A 48 1.85 -12.43 -6.20
CA GLU A 48 2.25 -13.52 -7.10
C GLU A 48 3.68 -13.32 -7.60
N GLN A 49 3.97 -12.14 -8.11
CA GLN A 49 5.30 -11.85 -8.64
C GLN A 49 6.40 -12.14 -7.63
N PHE A 50 6.19 -11.74 -6.38
CA PHE A 50 7.17 -11.94 -5.32
C PHE A 50 6.98 -13.20 -4.48
N ALA A 51 6.04 -14.05 -4.88
CA ALA A 51 5.77 -15.27 -4.13
C ALA A 51 5.66 -14.98 -2.64
N LEU A 52 4.83 -14.01 -2.28
CA LEU A 52 4.65 -13.65 -0.88
C LEU A 52 3.78 -14.64 -0.14
N ASP A 53 4.13 -14.89 1.12
CA ASP A 53 3.34 -15.78 1.95
C ASP A 53 2.16 -14.95 2.43
N GLU A 54 2.35 -13.64 2.48
CA GLU A 54 1.32 -12.74 2.93
C GLU A 54 1.59 -11.31 2.45
N LEU A 55 0.52 -10.63 2.04
CA LEU A 55 0.60 -9.25 1.59
C LEU A 55 -0.40 -8.49 2.45
N ARG A 56 0.11 -7.65 3.34
CA ARG A 56 -0.76 -6.88 4.23
C ARG A 56 -1.13 -5.52 3.65
N LEU A 57 -2.42 -5.24 3.59
CA LEU A 57 -2.87 -3.95 3.14
C LEU A 57 -2.81 -3.13 4.42
N LEU A 58 -2.18 -1.97 4.35
CA LEU A 58 -2.00 -1.13 5.53
C LEU A 58 -2.73 0.20 5.37
N PRO A 59 -3.96 0.30 5.92
CA PRO A 59 -4.69 1.56 5.79
C PRO A 59 -3.93 2.63 6.58
N ASN A 60 -3.64 3.76 5.93
CA ASN A 60 -2.90 4.82 6.60
C ASN A 60 -3.78 5.70 7.48
N ALA A 61 -3.20 6.17 8.58
CA ALA A 61 -3.91 7.03 9.50
C ALA A 61 -3.72 8.47 9.04
N ARG A 62 -4.73 9.30 9.30
CA ARG A 62 -4.67 10.71 8.93
C ARG A 62 -5.58 11.47 9.90
N PRO A 63 -5.39 12.79 10.03
CA PRO A 63 -6.27 13.49 10.97
C PRO A 63 -7.74 13.38 10.57
N PRO A 64 -8.64 13.39 11.56
CA PRO A 64 -10.08 13.28 11.30
C PRO A 64 -10.64 14.25 10.26
N HIS A 65 -10.13 15.47 10.25
CA HIS A 65 -10.63 16.47 9.30
C HIS A 65 -10.17 16.20 7.87
N ARG A 66 -9.30 15.21 7.69
CA ARG A 66 -8.82 14.85 6.37
C ARG A 66 -9.55 13.63 5.85
N GLU A 67 -10.47 13.10 6.65
CA GLU A 67 -11.25 11.93 6.25
C GLU A 67 -12.39 12.44 5.39
N THR A 68 -12.91 11.59 4.51
CA THR A 68 -14.04 12.01 3.68
C THR A 68 -15.22 12.14 4.63
N PRO A 69 -16.00 13.21 4.50
CA PRO A 69 -17.16 13.41 5.38
C PRO A 69 -18.05 12.16 5.41
N GLN A 70 -18.41 11.74 6.62
CA GLN A 70 -19.27 10.56 6.80
C GLN A 70 -18.59 9.22 6.54
N VAL A 71 -17.30 9.22 6.26
CA VAL A 71 -16.58 7.97 6.04
C VAL A 71 -15.37 7.99 6.97
N SER A 72 -15.48 7.29 8.08
CA SER A 72 -14.44 7.24 9.10
C SER A 72 -13.30 6.27 8.79
N ALA A 73 -12.22 6.41 9.55
CA ALA A 73 -11.06 5.55 9.39
C ALA A 73 -11.52 4.11 9.62
N ALA A 74 -12.38 3.93 10.61
CA ALA A 74 -12.88 2.60 10.94
C ALA A 74 -13.62 1.99 9.75
N GLN A 75 -14.31 2.82 8.98
CA GLN A 75 -15.03 2.34 7.83
C GLN A 75 -14.09 2.00 6.67
N ARG A 76 -13.01 2.78 6.53
CA ARG A 76 -12.02 2.49 5.49
C ARG A 76 -11.41 1.13 5.82
N LEU A 77 -11.16 0.91 7.11
CA LEU A 77 -10.60 -0.36 7.56
C LEU A 77 -11.56 -1.51 7.28
N ALA A 78 -12.84 -1.29 7.57
CA ALA A 78 -13.86 -2.30 7.36
C ALA A 78 -13.91 -2.71 5.89
N MSE A 79 -13.88 -1.73 5.00
CA MSE A 79 -13.95 -2.04 3.58
C MSE A 79 -12.75 -2.86 3.12
O MSE A 79 -12.90 -3.78 2.31
CB MSE A 79 -14.11 -0.76 2.75
CG MSE A 79 -15.49 -0.13 2.92
SE MSE A 79 -15.83 1.38 1.79
CE MSE A 79 -14.72 2.67 2.74
N VAL A 80 -11.57 -2.54 3.64
CA VAL A 80 -10.39 -3.32 3.28
C VAL A 80 -10.54 -4.74 3.83
N GLU A 81 -11.12 -4.87 5.01
CA GLU A 81 -11.31 -6.20 5.58
C GLU A 81 -12.27 -7.00 4.70
N ARG A 82 -13.30 -6.33 4.17
CA ARG A 82 -14.25 -7.00 3.30
C ARG A 82 -13.59 -7.43 1.99
N ALA A 83 -12.70 -6.58 1.49
CA ALA A 83 -12.00 -6.85 0.24
C ALA A 83 -11.05 -8.04 0.31
N VAL A 84 -10.43 -8.25 1.47
CA VAL A 84 -9.49 -9.34 1.62
C VAL A 84 -10.06 -10.61 2.24
N ALA A 85 -11.30 -10.55 2.72
CA ALA A 85 -11.93 -11.70 3.34
C ALA A 85 -12.06 -12.86 2.34
N GLY A 86 -11.57 -14.03 2.71
CA GLY A 86 -11.67 -15.17 1.82
C GLY A 86 -10.63 -15.19 0.73
N VAL A 87 -9.70 -14.24 0.76
CA VAL A 87 -8.66 -14.19 -0.23
C VAL A 87 -7.34 -14.58 0.44
N GLU A 88 -6.79 -15.70 0.02
CA GLU A 88 -5.54 -16.19 0.57
C GLU A 88 -4.36 -15.29 0.25
N ARG A 89 -3.43 -15.19 1.19
CA ARG A 89 -2.22 -14.37 1.04
C ARG A 89 -2.47 -12.89 1.22
N LEU A 90 -3.72 -12.45 1.23
CA LEU A 90 -4.01 -11.03 1.43
C LEU A 90 -4.65 -10.78 2.79
N THR A 91 -4.02 -9.94 3.60
CA THR A 91 -4.55 -9.62 4.91
C THR A 91 -4.57 -8.11 5.13
N VAL A 92 -5.03 -7.69 6.31
CA VAL A 92 -5.09 -6.28 6.64
C VAL A 92 -4.37 -6.02 7.97
N ASP A 93 -3.59 -4.94 8.02
CA ASP A 93 -2.86 -4.58 9.23
C ASP A 93 -3.33 -3.19 9.63
N PRO A 94 -4.13 -3.10 10.70
CA PRO A 94 -4.68 -1.84 11.20
C PRO A 94 -3.84 -1.07 12.22
N ARG A 95 -2.60 -1.49 12.45
CA ARG A 95 -1.80 -0.84 13.48
C ARG A 95 -1.74 0.68 13.41
N GLU A 96 -1.64 1.26 12.22
CA GLU A 96 -1.59 2.71 12.14
C GLU A 96 -2.86 3.38 12.64
N LEU A 97 -4.01 2.74 12.40
CA LEU A 97 -5.29 3.30 12.83
C LEU A 97 -5.52 3.15 14.33
N GLN A 98 -4.93 2.11 14.91
CA GLN A 98 -5.09 1.84 16.33
C GLN A 98 -4.34 2.84 17.22
N ARG A 99 -3.60 3.75 16.62
CA ARG A 99 -2.87 4.75 17.38
C ARG A 99 -3.76 5.98 17.55
N ASP A 100 -3.39 6.88 18.46
CA ASP A 100 -4.18 8.08 18.70
C ASP A 100 -4.06 9.12 17.58
N LYS A 101 -2.93 9.08 16.88
CA LYS A 101 -2.69 10.02 15.78
C LYS A 101 -1.82 9.37 14.71
N PRO A 102 -1.68 10.02 13.54
CA PRO A 102 -0.86 9.49 12.44
C PRO A 102 0.55 9.09 12.87
N SER A 103 1.16 8.21 12.08
CA SER A 103 2.51 7.73 12.38
C SER A 103 3.47 8.00 11.23
N TYR A 104 4.75 8.00 11.54
CA TYR A 104 5.79 8.17 10.51
C TYR A 104 5.97 6.76 9.95
N THR A 105 6.22 6.65 8.65
CA THR A 105 6.40 5.34 8.03
C THR A 105 7.44 4.50 8.75
N ILE A 106 8.55 5.12 9.13
CA ILE A 106 9.61 4.41 9.82
C ILE A 106 9.14 3.75 11.12
N ASP A 107 8.26 4.41 11.85
CA ASP A 107 7.75 3.86 13.10
C ASP A 107 6.88 2.62 12.81
N THR A 108 6.03 2.75 11.81
CA THR A 108 5.16 1.65 11.42
C THR A 108 6.04 0.47 11.03
N LEU A 109 7.06 0.76 10.24
CA LEU A 109 7.98 -0.26 9.76
C LEU A 109 8.69 -0.98 10.90
N GLU A 110 9.21 -0.22 11.87
CA GLU A 110 9.90 -0.81 13.00
C GLU A 110 8.92 -1.62 13.84
N SER A 111 7.69 -1.15 13.95
CA SER A 111 6.66 -1.86 14.70
C SER A 111 6.39 -3.22 14.08
N VAL A 112 6.29 -3.24 12.75
CA VAL A 112 6.04 -4.49 12.03
C VAL A 112 7.22 -5.45 12.17
N ARG A 113 8.42 -4.96 11.86
CA ARG A 113 9.62 -5.78 11.93
C ARG A 113 9.83 -6.33 13.34
N ALA A 114 9.40 -5.59 14.35
CA ALA A 114 9.55 -6.03 15.73
C ALA A 114 8.80 -7.34 16.03
N GLU A 115 7.79 -7.65 15.23
CA GLU A 115 7.01 -8.88 15.45
C GLU A 115 7.43 -10.02 14.54
N LEU A 116 8.37 -9.75 13.64
CA LEU A 116 8.81 -10.77 12.69
C LEU A 116 10.08 -11.49 13.12
N ALA A 117 10.34 -12.62 12.48
CA ALA A 117 11.54 -13.40 12.74
C ALA A 117 12.69 -12.66 12.05
N ALA A 118 13.89 -12.80 12.59
CA ALA A 118 15.06 -12.13 12.02
C ALA A 118 15.26 -12.43 10.54
N ASP A 119 14.95 -13.65 10.11
CA ASP A 119 15.15 -14.04 8.72
C ASP A 119 13.94 -13.83 7.80
N ASP A 120 12.86 -13.24 8.32
CA ASP A 120 11.69 -12.98 7.48
C ASP A 120 12.05 -11.84 6.50
N GLN A 121 11.59 -11.95 5.26
CA GLN A 121 11.85 -10.91 4.27
C GLN A 121 10.61 -10.02 4.16
N LEU A 122 10.81 -8.73 4.38
CA LEU A 122 9.71 -7.77 4.31
C LEU A 122 9.89 -6.88 3.10
N PHE A 123 8.83 -6.75 2.30
CA PHE A 123 8.87 -5.92 1.10
C PHE A 123 7.81 -4.83 1.19
N MSE A 124 8.24 -3.58 1.09
CA MSE A 124 7.31 -2.47 1.15
C MSE A 124 7.07 -1.97 -0.27
O MSE A 124 8.01 -1.54 -0.95
CB MSE A 124 7.88 -1.35 2.02
CG MSE A 124 6.94 -0.16 2.18
SE MSE A 124 7.65 1.15 3.43
CE MSE A 124 9.04 1.88 2.33
N LEU A 125 5.82 -2.03 -0.72
CA LEU A 125 5.46 -1.57 -2.06
C LEU A 125 5.08 -0.11 -2.03
N ILE A 126 5.70 0.69 -2.91
CA ILE A 126 5.39 2.11 -2.97
C ILE A 126 5.41 2.58 -4.41
N GLY A 127 4.58 3.59 -4.71
CA GLY A 127 4.51 4.13 -6.06
C GLY A 127 5.71 4.99 -6.39
N TRP A 128 6.00 5.11 -7.68
CA TRP A 128 7.14 5.91 -8.13
C TRP A 128 7.11 7.35 -7.61
N ASP A 129 5.97 8.03 -7.77
CA ASP A 129 5.87 9.41 -7.30
C ASP A 129 6.13 9.48 -5.80
N ALA A 130 5.63 8.52 -5.06
CA ALA A 130 5.82 8.48 -3.61
C ALA A 130 7.30 8.25 -3.31
N PHE A 131 7.93 7.40 -4.12
CA PHE A 131 9.35 7.08 -3.95
C PHE A 131 10.23 8.30 -4.20
N CYS A 132 9.87 9.09 -5.20
CA CYS A 132 10.64 10.28 -5.53
C CYS A 132 10.67 11.31 -4.41
N GLY A 133 9.79 11.14 -3.44
CA GLY A 133 9.76 12.07 -2.32
C GLY A 133 10.28 11.43 -1.05
N LEU A 134 10.87 10.24 -1.20
CA LEU A 134 11.42 9.48 -0.08
C LEU A 134 12.32 10.31 0.84
N PRO A 135 13.22 11.13 0.27
CA PRO A 135 14.13 11.95 1.08
C PRO A 135 13.44 12.88 2.06
N THR A 136 12.13 13.07 1.89
CA THR A 136 11.36 13.95 2.77
C THR A 136 10.76 13.17 3.94
N TRP A 137 10.74 11.84 3.84
CA TRP A 137 10.18 11.01 4.90
C TRP A 137 11.05 11.05 6.15
N HIS A 138 10.40 10.89 7.30
CA HIS A 138 11.07 10.91 8.59
C HIS A 138 12.09 9.77 8.69
N ARG A 139 13.37 10.13 8.86
CA ARG A 139 14.44 9.15 8.98
C ARG A 139 14.46 8.20 7.78
N TRP A 140 14.26 8.74 6.59
CA TRP A 140 14.22 7.94 5.37
C TRP A 140 15.37 6.96 5.15
N GLU A 141 16.58 7.36 5.54
CA GLU A 141 17.74 6.50 5.35
C GLU A 141 17.69 5.23 6.20
N ALA A 142 16.79 5.20 7.17
CA ALA A 142 16.66 4.02 8.04
C ALA A 142 15.62 3.01 7.58
N LEU A 143 14.83 3.36 6.56
CA LEU A 143 13.80 2.46 6.05
C LEU A 143 14.36 1.10 5.63
N LEU A 144 15.36 1.11 4.75
CA LEU A 144 15.95 -0.12 4.23
C LEU A 144 16.62 -0.99 5.28
N ASP A 145 16.67 -0.51 6.51
CA ASP A 145 17.25 -1.26 7.62
C ASP A 145 16.33 -2.43 7.95
N HIS A 146 15.05 -2.27 7.69
CA HIS A 146 14.05 -3.28 8.05
C HIS A 146 13.32 -3.97 6.89
N CYS A 147 13.54 -3.52 5.67
CA CYS A 147 12.83 -4.12 4.55
C CYS A 147 13.50 -3.79 3.24
N HIS A 148 12.94 -4.35 2.18
CA HIS A 148 13.37 -4.07 0.83
C HIS A 148 12.26 -3.12 0.36
N ILE A 149 12.58 -2.21 -0.54
CA ILE A 149 11.58 -1.30 -1.05
C ILE A 149 11.32 -1.68 -2.50
N VAL A 150 10.07 -1.97 -2.83
CA VAL A 150 9.70 -2.30 -4.20
C VAL A 150 8.97 -1.09 -4.75
N VAL A 151 9.52 -0.50 -5.80
CA VAL A 151 8.92 0.68 -6.39
C VAL A 151 8.13 0.33 -7.63
N LEU A 152 6.85 0.66 -7.59
CA LEU A 152 5.94 0.37 -8.68
C LEU A 152 5.96 1.48 -9.74
N GLN A 153 6.40 1.13 -10.95
CA GLN A 153 6.42 2.09 -12.04
C GLN A 153 5.28 1.72 -12.98
N ARG A 154 4.61 2.75 -13.50
CA ARG A 154 3.49 2.54 -14.40
C ARG A 154 3.56 3.48 -15.59
N PRO A 155 2.79 3.19 -16.66
CA PRO A 155 2.78 4.01 -17.87
C PRO A 155 2.83 5.51 -17.58
N ASP A 156 2.21 5.91 -16.48
CA ASP A 156 2.19 7.30 -16.08
C ASP A 156 3.26 7.59 -15.01
N ALA A 157 4.46 7.93 -15.46
CA ALA A 157 5.57 8.22 -14.55
C ALA A 157 6.78 8.74 -15.32
N ASP A 158 7.54 9.63 -14.68
CA ASP A 158 8.74 10.19 -15.28
C ASP A 158 9.97 9.43 -14.81
N SER A 159 10.45 8.50 -15.63
CA SER A 159 11.62 7.69 -15.30
C SER A 159 12.89 8.51 -15.15
N GLU A 160 12.97 9.29 -14.08
CA GLU A 160 14.12 10.14 -13.79
C GLU A 160 14.07 10.61 -12.34
N PRO A 161 14.65 9.83 -11.42
CA PRO A 161 14.67 10.17 -10.00
C PRO A 161 15.47 11.44 -9.70
N PRO A 162 15.14 12.13 -8.60
CA PRO A 162 15.84 13.36 -8.22
C PRO A 162 17.28 13.04 -7.80
N GLU A 163 18.15 14.05 -7.91
CA GLU A 163 19.55 13.89 -7.55
C GLU A 163 19.70 13.38 -6.12
N SER A 164 18.80 13.79 -5.25
CA SER A 164 18.81 13.39 -3.85
C SER A 164 18.82 11.89 -3.61
N LEU A 165 18.33 11.11 -4.58
CA LEU A 165 18.28 9.66 -4.44
C LEU A 165 19.34 8.91 -5.26
N ARG A 166 20.14 9.64 -6.03
CA ARG A 166 21.16 9.02 -6.87
C ARG A 166 22.07 8.05 -6.11
N ASP A 167 22.58 8.49 -4.96
CA ASP A 167 23.48 7.65 -4.19
C ASP A 167 22.77 6.43 -3.62
N LEU A 168 21.61 6.64 -3.00
CA LEU A 168 20.85 5.53 -2.43
C LEU A 168 20.65 4.43 -3.46
N LEU A 169 20.19 4.80 -4.65
CA LEU A 169 19.97 3.83 -5.71
C LEU A 169 21.25 3.13 -6.11
N ALA A 170 22.35 3.88 -6.12
CA ALA A 170 23.64 3.31 -6.49
C ALA A 170 24.07 2.31 -5.42
N ALA A 171 23.76 2.63 -4.17
CA ALA A 171 24.14 1.75 -3.07
C ALA A 171 23.19 0.60 -2.76
N ARG A 172 21.90 0.77 -3.05
CA ARG A 172 20.93 -0.27 -2.69
C ARG A 172 20.08 -0.93 -3.76
N SER A 173 20.07 -0.40 -4.98
CA SER A 173 19.22 -1.00 -6.01
C SER A 173 19.74 -2.27 -6.66
N VAL A 174 18.81 -3.13 -7.06
CA VAL A 174 19.11 -4.39 -7.74
C VAL A 174 18.19 -4.47 -8.96
N ALA A 175 18.64 -5.17 -9.99
CA ALA A 175 17.90 -5.31 -11.24
C ALA A 175 16.48 -5.85 -11.15
N ASP A 176 16.31 -7.02 -10.53
CA ASP A 176 14.97 -7.60 -10.42
C ASP A 176 14.65 -8.08 -9.02
N PRO A 177 13.35 -8.28 -8.75
CA PRO A 177 12.83 -8.75 -7.46
C PRO A 177 13.53 -10.01 -6.98
N GLN A 178 13.83 -10.90 -7.92
CA GLN A 178 14.48 -12.15 -7.59
C GLN A 178 15.87 -11.93 -6.98
N ALA A 179 16.48 -10.80 -7.29
CA ALA A 179 17.80 -10.48 -6.77
C ALA A 179 17.77 -9.94 -5.35
N LEU A 180 16.57 -9.69 -4.82
CA LEU A 180 16.47 -9.19 -3.45
C LEU A 180 16.92 -10.34 -2.55
N LYS A 181 17.91 -10.07 -1.69
CA LYS A 181 18.44 -11.09 -0.82
C LYS A 181 18.36 -10.67 0.66
N GLY A 182 18.09 -11.64 1.53
CA GLY A 182 18.00 -11.33 2.94
C GLY A 182 16.70 -10.68 3.38
N PRO A 183 16.61 -10.27 4.66
CA PRO A 183 15.47 -9.62 5.33
C PRO A 183 15.03 -8.30 4.72
N GLY A 184 15.99 -7.54 4.23
CA GLY A 184 15.69 -6.25 3.63
C GLY A 184 16.98 -5.59 3.21
N GLY A 185 16.96 -4.28 2.98
CA GLY A 185 18.18 -3.56 2.62
C GLY A 185 18.33 -3.14 1.17
N GLN A 186 17.53 -3.73 0.27
CA GLN A 186 17.65 -3.40 -1.14
C GLN A 186 16.41 -2.77 -1.77
N ILE A 187 16.62 -2.14 -2.92
CA ILE A 187 15.55 -1.47 -3.66
C ILE A 187 15.49 -2.03 -5.07
N THR A 188 14.29 -2.26 -5.57
CA THR A 188 14.14 -2.73 -6.93
C THR A 188 12.88 -2.12 -7.54
N PHE A 189 12.76 -2.17 -8.85
CA PHE A 189 11.60 -1.60 -9.51
C PHE A 189 10.81 -2.65 -10.24
N VAL A 190 9.48 -2.50 -10.24
CA VAL A 190 8.62 -3.46 -10.94
C VAL A 190 7.67 -2.71 -11.84
N TRP A 191 7.20 -3.40 -12.87
CA TRP A 191 6.27 -2.78 -13.82
C TRP A 191 4.87 -3.34 -13.68
N GLN A 192 3.89 -2.43 -13.75
CA GLN A 192 2.49 -2.81 -13.67
C GLN A 192 1.65 -1.84 -14.49
N THR A 193 0.55 -2.35 -15.05
CA THR A 193 -0.37 -1.55 -15.83
C THR A 193 -1.67 -1.56 -15.03
N PRO A 194 -1.77 -0.69 -14.02
CA PRO A 194 -2.95 -0.60 -13.16
C PRO A 194 -4.23 -0.25 -13.89
N LEU A 195 -5.32 -0.89 -13.48
CA LEU A 195 -6.62 -0.63 -14.08
C LEU A 195 -6.90 0.85 -13.87
N ALA A 196 -7.49 1.48 -14.88
CA ALA A 196 -7.80 2.90 -14.81
C ALA A 196 -9.00 3.15 -13.89
N VAL A 197 -8.76 3.03 -12.59
CA VAL A 197 -9.78 3.25 -11.58
C VAL A 197 -9.19 4.11 -10.48
N SER A 198 -9.93 5.09 -9.98
CA SER A 198 -9.40 5.93 -8.89
C SER A 198 -10.45 6.17 -7.81
N ALA A 199 -10.00 6.31 -6.57
CA ALA A 199 -10.92 6.54 -5.46
C ALA A 199 -11.68 7.85 -5.67
N THR A 200 -11.01 8.86 -6.22
CA THR A 200 -11.65 10.15 -6.47
C THR A 200 -12.79 9.98 -7.45
N GLN A 201 -12.53 9.23 -8.52
CA GLN A 201 -13.53 8.95 -9.55
C GLN A 201 -14.72 8.24 -8.91
N ILE A 202 -14.42 7.25 -8.06
CA ILE A 202 -15.46 6.48 -7.40
C ILE A 202 -16.31 7.32 -6.45
N ARG A 203 -15.66 8.18 -5.66
CA ARG A 203 -16.41 9.03 -4.74
C ARG A 203 -17.34 9.94 -5.53
N ALA A 204 -16.85 10.42 -6.68
CA ALA A 204 -17.66 11.32 -7.52
C ALA A 204 -18.91 10.60 -8.03
N LEU A 205 -18.75 9.36 -8.48
CA LEU A 205 -19.87 8.58 -8.98
C LEU A 205 -20.91 8.35 -7.89
N LEU A 206 -20.45 7.97 -6.70
CA LEU A 206 -21.36 7.72 -5.59
C LEU A 206 -22.07 9.02 -5.19
N GLY A 207 -21.36 10.14 -5.25
CA GLY A 207 -21.96 11.42 -4.91
C GLY A 207 -23.14 11.72 -5.82
N ALA A 208 -23.04 11.26 -7.07
CA ALA A 208 -24.10 11.48 -8.06
C ALA A 208 -25.12 10.36 -8.09
N GLY A 209 -25.03 9.44 -7.13
CA GLY A 209 -25.98 8.34 -7.07
C GLY A 209 -25.82 7.31 -8.16
N ARG A 210 -24.62 7.24 -8.74
CA ARG A 210 -24.36 6.28 -9.81
C ARG A 210 -23.70 5.02 -9.23
N SER A 211 -23.84 3.91 -9.94
CA SER A 211 -23.29 2.65 -9.50
C SER A 211 -21.79 2.50 -9.73
N VAL A 212 -21.07 2.02 -8.71
CA VAL A 212 -19.63 1.79 -8.83
C VAL A 212 -19.38 0.27 -8.86
N ARG A 213 -20.43 -0.48 -9.13
CA ARG A 213 -20.31 -1.94 -9.22
C ARG A 213 -19.23 -2.25 -10.25
N PHE A 214 -18.41 -3.25 -9.95
CA PHE A 214 -17.32 -3.69 -10.81
C PHE A 214 -16.14 -2.72 -10.85
N LEU A 215 -16.17 -1.69 -10.02
CA LEU A 215 -15.07 -0.75 -9.92
C LEU A 215 -14.41 -1.02 -8.59
N VAL A 216 -15.13 -1.72 -7.74
CA VAL A 216 -14.63 -2.10 -6.43
C VAL A 216 -15.01 -3.55 -6.25
N PRO A 217 -14.35 -4.24 -5.32
CA PRO A 217 -14.68 -5.66 -5.09
C PRO A 217 -16.16 -5.72 -4.69
N ASP A 218 -16.83 -6.82 -5.04
CA ASP A 218 -18.25 -6.97 -4.71
C ASP A 218 -18.53 -6.78 -3.22
N ALA A 219 -17.68 -7.34 -2.37
CA ALA A 219 -17.88 -7.21 -0.94
C ALA A 219 -17.79 -5.74 -0.52
N VAL A 220 -16.92 -5.00 -1.17
CA VAL A 220 -16.78 -3.59 -0.85
C VAL A 220 -18.02 -2.83 -1.34
N LEU A 221 -18.51 -3.21 -2.51
CA LEU A 221 -19.71 -2.59 -3.07
C LEU A 221 -20.87 -2.78 -2.10
N ASN A 222 -21.06 -4.02 -1.65
CA ASN A 222 -22.15 -4.31 -0.72
C ASN A 222 -22.03 -3.51 0.56
N TYR A 223 -20.81 -3.32 1.04
CA TYR A 223 -20.60 -2.56 2.27
C TYR A 223 -20.94 -1.08 2.03
N ILE A 224 -20.49 -0.54 0.91
CA ILE A 224 -20.77 0.85 0.58
C ILE A 224 -22.28 1.11 0.49
N GLU A 225 -23.00 0.19 -0.15
CA GLU A 225 -24.43 0.35 -0.31
C GLU A 225 -25.19 0.09 0.99
N ALA A 226 -24.79 -0.93 1.74
CA ALA A 226 -25.45 -1.25 3.00
C ALA A 226 -25.31 -0.16 4.05
N HIS A 227 -24.17 0.53 4.06
CA HIS A 227 -23.95 1.61 5.02
C HIS A 227 -24.12 2.98 4.37
N HIS A 228 -24.60 2.98 3.12
CA HIS A 228 -24.81 4.21 2.36
C HIS A 228 -23.68 5.21 2.52
N LEU A 229 -22.48 4.80 2.12
CA LEU A 229 -21.31 5.65 2.23
C LEU A 229 -21.10 6.51 0.99
N TYR A 230 -20.39 7.61 1.19
CA TYR A 230 -20.07 8.56 0.13
C TYR A 230 -21.34 9.18 -0.47
N ARG A 231 -22.34 9.36 0.40
CA ARG A 231 -23.62 9.96 0.02
C ARG A 231 -24.45 9.05 -0.89
C1 CIT B . -5.41 5.05 -7.53
O1 CIT B . -5.78 4.43 -8.57
O2 CIT B . -4.34 4.84 -7.04
C2 CIT B . -6.38 6.07 -6.98
C3 CIT B . -5.89 6.82 -5.71
O7 CIT B . -4.68 7.53 -5.98
C4 CIT B . -6.95 7.88 -5.20
C5 CIT B . -7.10 9.03 -6.26
O3 CIT B . -6.27 9.89 -6.59
O4 CIT B . -8.29 8.95 -6.75
C6 CIT B . -5.49 6.05 -4.38
O5 CIT B . -4.45 6.11 -3.71
O6 CIT B . -6.51 5.33 -4.17
#